data_6ZJF
#
_entry.id   6ZJF
#
_cell.length_a   83.349
_cell.length_b   83.349
_cell.length_c   114.259
_cell.angle_alpha   90.000
_cell.angle_beta   90.000
_cell.angle_gamma   90.000
#
_symmetry.space_group_name_H-M   'P 41 2 2'
#
loop_
_entity.id
_entity.type
_entity.pdbx_description
1 polymer 'Serine/threonine-protein kinase 17B'
2 non-polymer '2-[6-(4-cyclopropylphenyl)thieno[3,2-d]pyrimidin-4-yl]sulfanylethanoic acid'
3 non-polymer 1,2-ETHANEDIOL
4 water water
#
_entity_poly.entity_id   1
_entity_poly.type   'polypeptide(L)'
_entity_poly.pdbx_seq_one_letter_code
;MHHHHHHSSGVDLGTENLYFQSMENFNNFYILTSKELGRGKFAVVRQCISKSTGQEYAAKFLKKRRRGQDCRAEILHEIA
VLELAKSCPRVINLHEVYENTSEIILILEYAAGGEIFSLCLPELAEMVSENDVIRLIKQILEGVYYLHQNNIVHLDLKPQ
NILLSSIYPLGDIKIVDFGMSRKIGHACELREIMGTPEYLAPEILNYDPITTATDMWNIGIIAYMLLTHTSPFVGEDNQE
TYLNISQVNVDYSEETFSSVSQLATDFIQSLLVKNPEKRPTAEICLSHSWLQQWDFENLFHPEETSSSSQTQDHSVRSSE
DKTSKSS
;
_entity_poly.pdbx_strand_id   A
#
loop_
_chem_comp.id
_chem_comp.type
_chem_comp.name
_chem_comp.formula
EDO non-polymer 1,2-ETHANEDIOL 'C2 H6 O2'
QM2 non-polymer '2-[6-(4-cyclopropylphenyl)thieno[3,2-d]pyrimidin-4-yl]sulfanylethanoic acid' 'C17 H14 N2 O2 S2'
#
# COMPACT_ATOMS: atom_id res chain seq x y z
N THR A 15 12.00 -30.90 -10.60
CA THR A 15 11.03 -31.79 -11.30
C THR A 15 9.64 -31.13 -11.41
N GLU A 16 9.48 -29.87 -10.97
CA GLU A 16 8.14 -29.19 -10.88
C GLU A 16 7.67 -28.79 -12.30
N ASN A 17 6.37 -28.95 -12.59
CA ASN A 17 5.78 -28.48 -13.87
C ASN A 17 5.39 -27.01 -13.71
N LEU A 18 5.48 -26.24 -14.75
CA LEU A 18 5.07 -24.82 -14.73
C LEU A 18 3.56 -24.71 -15.08
N TYR A 19 2.87 -23.82 -14.39
CA TYR A 19 1.42 -23.56 -14.53
C TYR A 19 1.17 -22.39 -15.47
N PHE A 20 1.87 -21.26 -15.28
CA PHE A 20 1.49 -20.02 -16.00
C PHE A 20 2.14 -20.01 -17.39
N GLN A 21 1.83 -18.97 -18.16
CA GLN A 21 2.33 -18.78 -19.56
CA GLN A 21 2.34 -18.77 -19.55
C GLN A 21 3.87 -18.81 -19.57
N SER A 22 4.45 -19.38 -20.64
CA SER A 22 5.90 -19.67 -20.75
C SER A 22 6.73 -18.38 -20.78
N MET A 23 7.98 -18.49 -20.39
CA MET A 23 8.97 -17.40 -20.46
C MET A 23 9.23 -17.02 -21.93
N GLU A 24 9.18 -17.97 -22.84
CA GLU A 24 9.30 -17.71 -24.30
CA GLU A 24 9.32 -17.68 -24.29
C GLU A 24 8.19 -16.73 -24.72
N ASN A 25 6.98 -16.92 -24.20
CA ASN A 25 5.86 -16.02 -24.57
C ASN A 25 6.16 -14.64 -23.96
N PHE A 26 6.59 -14.58 -22.70
CA PHE A 26 6.91 -13.30 -22.05
C PHE A 26 7.83 -12.48 -22.97
N ASN A 27 8.93 -13.07 -23.38
CA ASN A 27 9.97 -12.36 -24.17
C ASN A 27 9.47 -12.08 -25.59
N ASN A 28 8.55 -12.87 -26.10
CA ASN A 28 7.89 -12.60 -27.42
CA ASN A 28 7.96 -12.57 -27.45
C ASN A 28 7.03 -11.35 -27.35
N PHE A 29 6.33 -11.13 -26.22
CA PHE A 29 5.25 -10.12 -26.09
C PHE A 29 5.74 -8.82 -25.44
N TYR A 30 6.79 -8.88 -24.65
CA TYR A 30 7.25 -7.75 -23.81
C TYR A 30 8.74 -7.53 -23.99
N ILE A 31 9.15 -6.29 -23.79
CA ILE A 31 10.58 -5.92 -23.65
C ILE A 31 10.76 -5.19 -22.32
N LEU A 32 11.70 -5.65 -21.53
CA LEU A 32 12.02 -4.97 -20.27
C LEU A 32 12.78 -3.69 -20.61
N THR A 33 12.60 -2.67 -19.81
CA THR A 33 13.33 -1.41 -19.96
C THR A 33 14.42 -1.34 -18.91
N SER A 34 15.29 -0.35 -19.07
CA SER A 34 16.39 -0.07 -18.15
C SER A 34 15.92 0.58 -16.84
N LYS A 35 14.59 0.74 -16.65
N LYS A 35 14.65 1.03 -16.73
CA LYS A 35 14.00 1.28 -15.38
CA LYS A 35 14.25 2.00 -15.67
C LYS A 35 13.71 0.11 -14.43
C LYS A 35 14.41 1.35 -14.28
N GLU A 36 14.64 -0.17 -13.52
N GLU A 36 15.01 2.08 -13.33
CA GLU A 36 14.42 -1.07 -12.36
CA GLU A 36 15.21 1.66 -11.91
C GLU A 36 13.59 -0.30 -11.34
C GLU A 36 14.01 2.09 -11.06
N LEU A 37 12.42 -0.79 -11.03
N LEU A 37 13.24 1.11 -10.57
CA LEU A 37 11.42 -0.07 -10.22
CA LEU A 37 11.99 1.33 -9.81
C LEU A 37 11.59 -0.39 -8.73
C LEU A 37 12.22 1.34 -8.29
N GLY A 38 12.07 -1.59 -8.39
N GLY A 38 13.43 1.00 -7.81
CA GLY A 38 12.12 -2.06 -6.98
CA GLY A 38 13.82 1.21 -6.41
C GLY A 38 12.86 -3.39 -6.82
C GLY A 38 13.04 0.31 -5.46
N ARG A 39 13.40 -3.63 -5.64
N ARG A 39 12.65 -0.89 -5.92
CA ARG A 39 14.17 -4.87 -5.38
CA ARG A 39 11.93 -1.88 -5.08
C ARG A 39 14.11 -5.18 -3.90
C ARG A 39 12.93 -2.93 -4.56
N GLY A 40 13.56 -6.34 -3.56
N GLY A 40 12.43 -3.96 -3.87
CA GLY A 40 13.62 -6.96 -2.22
CA GLY A 40 13.26 -4.95 -3.15
C GLY A 40 14.45 -8.20 -2.27
C GLY A 40 14.26 -5.67 -4.05
N LYS A 41 14.47 -8.99 -1.22
N LYS A 41 15.15 -6.47 -3.43
CA LYS A 41 15.35 -10.20 -1.15
CA LYS A 41 16.25 -7.24 -4.08
C LYS A 41 14.85 -11.29 -2.14
C LYS A 41 15.77 -8.67 -4.41
N PHE A 42 13.53 -11.41 -2.42
N PHE A 42 14.79 -9.14 -3.65
CA PHE A 42 12.92 -12.55 -3.17
CA PHE A 42 14.41 -10.56 -3.54
C PHE A 42 11.94 -12.05 -4.26
C PHE A 42 13.06 -10.74 -4.26
N ALA A 43 12.06 -10.77 -4.59
N ALA A 43 12.41 -9.64 -4.58
CA ALA A 43 11.22 -10.08 -5.61
CA ALA A 43 11.23 -9.55 -5.48
C ALA A 43 12.00 -8.92 -6.24
C ALA A 43 11.41 -8.35 -6.40
N VAL A 44 11.74 -8.71 -7.51
N VAL A 44 12.16 -8.52 -7.49
CA VAL A 44 12.30 -7.58 -8.29
CA VAL A 44 12.56 -7.42 -8.41
C VAL A 44 11.17 -7.01 -9.12
C VAL A 44 11.32 -7.00 -9.20
N VAL A 45 11.09 -5.71 -9.25
CA VAL A 45 10.08 -5.11 -10.15
C VAL A 45 10.79 -4.31 -11.20
N ARG A 46 10.44 -4.55 -12.47
CA ARG A 46 11.07 -3.85 -13.62
CA ARG A 46 11.08 -3.93 -13.66
C ARG A 46 9.98 -3.32 -14.53
N GLN A 47 10.20 -2.16 -15.11
CA GLN A 47 9.26 -1.64 -16.10
C GLN A 47 9.37 -2.51 -17.37
N CYS A 48 8.24 -2.84 -18.01
CA CYS A 48 8.26 -3.47 -19.34
C CYS A 48 7.27 -2.76 -20.28
N ILE A 49 7.44 -3.03 -21.55
CA ILE A 49 6.60 -2.45 -22.63
C ILE A 49 6.03 -3.58 -23.44
N SER A 50 4.74 -3.51 -23.79
CA SER A 50 4.14 -4.46 -24.73
C SER A 50 4.72 -4.15 -26.10
N LYS A 51 5.28 -5.14 -26.77
CA LYS A 51 5.85 -4.98 -28.12
C LYS A 51 4.72 -4.63 -29.11
N SER A 52 3.50 -5.10 -28.90
CA SER A 52 2.35 -4.85 -29.82
CA SER A 52 2.30 -4.86 -29.77
C SER A 52 1.77 -3.44 -29.63
N THR A 53 1.51 -3.00 -28.38
CA THR A 53 0.72 -1.75 -28.13
C THR A 53 1.64 -0.58 -27.73
N GLY A 54 2.84 -0.83 -27.18
CA GLY A 54 3.64 0.25 -26.57
C GLY A 54 3.21 0.60 -25.14
N GLN A 55 2.23 -0.11 -24.58
CA GLN A 55 1.75 0.19 -23.21
C GLN A 55 2.82 -0.27 -22.17
N GLU A 56 3.13 0.60 -21.23
CA GLU A 56 4.05 0.28 -20.09
C GLU A 56 3.29 -0.53 -19.04
N TYR A 57 3.98 -1.50 -18.46
CA TYR A 57 3.53 -2.30 -17.32
C TYR A 57 4.68 -2.42 -16.32
N ALA A 58 4.36 -2.87 -15.11
CA ALA A 58 5.34 -3.31 -14.11
C ALA A 58 5.40 -4.83 -14.12
N ALA A 59 6.58 -5.41 -14.26
CA ALA A 59 6.75 -6.87 -14.18
C ALA A 59 7.40 -7.20 -12.84
N LYS A 60 6.69 -7.94 -11.99
CA LYS A 60 7.20 -8.31 -10.66
C LYS A 60 7.59 -9.79 -10.71
N PHE A 61 8.86 -10.05 -10.47
CA PHE A 61 9.50 -11.36 -10.53
C PHE A 61 9.57 -11.93 -9.11
N LEU A 62 8.73 -12.91 -8.80
CA LEU A 62 8.61 -13.51 -7.43
C LEU A 62 9.34 -14.83 -7.44
N LYS A 63 10.38 -14.98 -6.62
CA LYS A 63 11.05 -16.29 -6.48
C LYS A 63 10.09 -17.28 -5.82
N LYS A 64 10.00 -18.46 -6.39
CA LYS A 64 9.14 -19.56 -5.88
C LYS A 64 9.78 -20.20 -4.62
N ARG A 65 11.09 -20.16 -4.49
CA ARG A 65 11.82 -20.74 -3.32
C ARG A 65 12.42 -19.59 -2.52
N ARG A 66 12.08 -19.49 -1.22
CA ARG A 66 12.54 -18.40 -0.34
C ARG A 66 12.88 -18.94 1.03
N ARG A 67 14.07 -18.61 1.53
CA ARG A 67 14.48 -18.97 2.93
C ARG A 67 14.36 -20.47 3.08
N GLY A 68 14.62 -21.21 2.02
CA GLY A 68 14.58 -22.67 2.06
C GLY A 68 13.17 -23.20 2.13
N GLN A 69 12.15 -22.39 1.76
CA GLN A 69 10.71 -22.77 1.81
C GLN A 69 10.13 -22.67 0.36
N ASP A 70 9.23 -23.59 -0.01
CA ASP A 70 8.51 -23.57 -1.32
C ASP A 70 7.33 -22.61 -1.19
N CYS A 71 7.29 -21.53 -1.96
CA CYS A 71 6.33 -20.42 -1.78
C CYS A 71 5.29 -20.38 -2.92
N ARG A 72 5.25 -21.36 -3.84
CA ARG A 72 4.36 -21.24 -5.03
C ARG A 72 2.90 -21.17 -4.55
N ALA A 73 2.52 -21.96 -3.56
CA ALA A 73 1.15 -21.87 -2.98
C ALA A 73 0.84 -20.47 -2.46
N GLU A 74 1.76 -19.82 -1.72
CA GLU A 74 1.59 -18.45 -1.22
C GLU A 74 1.50 -17.46 -2.37
N ILE A 75 2.27 -17.65 -3.43
CA ILE A 75 2.17 -16.74 -4.62
C ILE A 75 0.76 -16.93 -5.23
N LEU A 76 0.32 -18.17 -5.40
CA LEU A 76 -1.06 -18.47 -5.93
C LEU A 76 -2.10 -17.76 -5.10
N HIS A 77 -1.96 -17.79 -3.78
CA HIS A 77 -2.91 -17.09 -2.87
C HIS A 77 -2.85 -15.59 -3.13
N GLU A 78 -1.67 -15.01 -3.39
CA GLU A 78 -1.53 -13.56 -3.60
C GLU A 78 -2.16 -13.17 -4.94
N ILE A 79 -2.01 -14.02 -5.98
CA ILE A 79 -2.70 -13.82 -7.26
C ILE A 79 -4.22 -13.87 -7.05
N ALA A 80 -4.72 -14.82 -6.25
CA ALA A 80 -6.16 -14.98 -5.95
C ALA A 80 -6.70 -13.67 -5.32
N VAL A 81 -5.91 -13.03 -4.47
CA VAL A 81 -6.31 -11.73 -3.84
C VAL A 81 -6.31 -10.61 -4.85
N LEU A 82 -5.27 -10.47 -5.71
CA LEU A 82 -5.27 -9.44 -6.74
C LEU A 82 -6.44 -9.64 -7.66
N GLU A 83 -6.73 -10.88 -8.00
CA GLU A 83 -7.82 -11.15 -8.95
C GLU A 83 -9.15 -10.69 -8.33
N LEU A 84 -9.36 -10.93 -7.04
CA LEU A 84 -10.61 -10.53 -6.36
C LEU A 84 -10.76 -8.99 -6.40
N ALA A 85 -9.68 -8.26 -6.34
CA ALA A 85 -9.73 -6.78 -6.31
C ALA A 85 -9.72 -6.17 -7.72
N LYS A 86 -9.94 -6.93 -8.79
CA LYS A 86 -9.75 -6.38 -10.16
C LYS A 86 -10.80 -5.31 -10.39
N SER A 87 -11.95 -5.37 -9.72
CA SER A 87 -13.01 -4.38 -9.98
C SER A 87 -12.71 -3.11 -9.16
N CYS A 88 -11.77 -3.14 -8.23
CA CYS A 88 -11.47 -1.95 -7.39
C CYS A 88 -10.31 -1.14 -7.98
N PRO A 89 -10.53 0.10 -8.45
CA PRO A 89 -9.46 0.86 -9.10
C PRO A 89 -8.44 1.45 -8.13
N ARG A 90 -8.63 1.26 -6.84
CA ARG A 90 -7.69 1.70 -5.82
C ARG A 90 -6.63 0.62 -5.55
N VAL A 91 -6.83 -0.57 -6.08
CA VAL A 91 -5.88 -1.70 -5.93
C VAL A 91 -5.22 -1.91 -7.30
N ILE A 92 -3.90 -2.04 -7.35
CA ILE A 92 -3.18 -2.29 -8.62
C ILE A 92 -3.86 -3.45 -9.37
N ASN A 93 -3.98 -3.31 -10.67
CA ASN A 93 -4.62 -4.31 -11.56
C ASN A 93 -3.56 -5.33 -12.07
N LEU A 94 -3.92 -6.61 -12.05
CA LEU A 94 -3.11 -7.69 -12.63
C LEU A 94 -3.55 -7.88 -14.08
N HIS A 95 -2.61 -7.81 -15.04
CA HIS A 95 -2.85 -7.98 -16.47
C HIS A 95 -2.62 -9.43 -16.93
N GLU A 96 -1.45 -9.99 -16.59
CA GLU A 96 -1.05 -11.33 -17.06
C GLU A 96 -0.09 -11.94 -16.03
N VAL A 97 0.15 -13.22 -16.17
CA VAL A 97 1.09 -13.97 -15.32
C VAL A 97 1.92 -14.90 -16.18
N TYR A 98 3.22 -14.91 -15.96
CA TYR A 98 4.16 -15.82 -16.64
C TYR A 98 4.92 -16.61 -15.59
N GLU A 99 5.59 -17.65 -16.01
CA GLU A 99 6.32 -18.52 -15.05
C GLU A 99 7.53 -19.14 -15.73
N ASN A 100 8.64 -19.22 -15.01
CA ASN A 100 9.86 -19.93 -15.45
C ASN A 100 10.32 -20.86 -14.32
N THR A 101 11.48 -21.52 -14.46
CA THR A 101 11.92 -22.48 -13.43
C THR A 101 11.85 -21.87 -12.03
N SER A 102 12.36 -20.65 -11.80
CA SER A 102 12.56 -20.09 -10.46
C SER A 102 11.51 -19.02 -10.07
N GLU A 103 10.80 -18.44 -11.04
CA GLU A 103 10.02 -17.20 -10.85
C GLU A 103 8.58 -17.38 -11.33
N ILE A 104 7.67 -16.72 -10.64
CA ILE A 104 6.36 -16.35 -11.20
C ILE A 104 6.42 -14.86 -11.44
N ILE A 105 6.04 -14.41 -12.63
CA ILE A 105 6.14 -13.00 -13.05
C ILE A 105 4.73 -12.41 -13.16
N LEU A 106 4.43 -11.40 -12.38
CA LEU A 106 3.16 -10.67 -12.48
C LEU A 106 3.35 -9.49 -13.41
N ILE A 107 2.46 -9.36 -14.40
CA ILE A 107 2.44 -8.19 -15.28
C ILE A 107 1.37 -7.28 -14.71
N LEU A 108 1.81 -6.22 -14.06
CA LEU A 108 0.88 -5.32 -13.34
C LEU A 108 0.68 -4.03 -14.10
N GLU A 109 -0.44 -3.37 -13.85
CA GLU A 109 -0.63 -1.95 -14.14
C GLU A 109 0.60 -1.19 -13.65
N TYR A 110 1.09 -0.26 -14.46
CA TYR A 110 2.27 0.58 -14.14
C TYR A 110 1.78 1.85 -13.46
N ALA A 111 2.11 2.02 -12.20
CA ALA A 111 1.82 3.26 -11.43
C ALA A 111 2.96 4.27 -11.61
N ALA A 112 2.83 5.13 -12.61
CA ALA A 112 3.94 5.96 -13.13
C ALA A 112 4.45 6.99 -12.09
N GLY A 113 3.64 7.34 -11.09
CA GLY A 113 4.01 8.31 -10.06
C GLY A 113 4.88 7.74 -8.98
N GLY A 114 4.96 6.42 -8.88
CA GLY A 114 5.80 5.76 -7.88
C GLY A 114 5.17 5.87 -6.48
N GLU A 115 5.96 5.79 -5.43
CA GLU A 115 5.51 5.57 -4.04
C GLU A 115 4.95 6.89 -3.44
N ILE A 116 3.90 6.79 -2.64
CA ILE A 116 3.39 7.97 -1.90
C ILE A 116 4.41 8.39 -0.82
N PHE A 117 5.29 7.48 -0.44
CA PHE A 117 6.41 7.75 0.51
C PHE A 117 7.20 8.98 0.05
N SER A 118 7.40 9.15 -1.25
CA SER A 118 8.08 10.35 -1.81
CA SER A 118 8.08 10.35 -1.83
C SER A 118 7.40 11.64 -1.35
N LEU A 119 6.07 11.63 -1.16
CA LEU A 119 5.34 12.87 -0.74
C LEU A 119 5.56 13.12 0.76
N CYS A 120 6.12 12.17 1.48
CA CYS A 120 6.30 12.23 2.97
C CYS A 120 7.72 12.73 3.33
N LEU A 121 8.56 13.03 2.34
CA LEU A 121 9.93 13.54 2.58
C LEU A 121 9.85 15.05 2.77
N PRO A 122 10.59 15.62 3.75
CA PRO A 122 10.54 17.07 3.99
C PRO A 122 10.67 17.92 2.70
N GLU A 123 11.32 17.37 1.65
CA GLU A 123 11.67 18.07 0.38
C GLU A 123 10.43 18.40 -0.46
N LEU A 124 9.36 17.58 -0.44
CA LEU A 124 8.19 17.74 -1.34
C LEU A 124 6.98 18.29 -0.57
N ALA A 125 7.13 18.55 0.73
CA ALA A 125 6.11 19.19 1.60
C ALA A 125 5.38 20.27 0.81
N GLU A 126 6.15 21.14 0.14
CA GLU A 126 5.70 22.41 -0.49
C GLU A 126 4.89 22.12 -1.77
N MET A 127 5.10 20.97 -2.39
CA MET A 127 4.44 20.58 -3.66
C MET A 127 3.09 19.88 -3.39
N VAL A 128 2.69 19.68 -2.11
CA VAL A 128 1.49 18.85 -1.72
C VAL A 128 0.55 19.67 -0.82
N SER A 129 -0.70 19.83 -1.21
CA SER A 129 -1.68 20.65 -0.46
C SER A 129 -2.42 19.82 0.59
N GLU A 130 -3.15 20.52 1.45
CA GLU A 130 -4.18 19.90 2.29
C GLU A 130 -5.21 19.17 1.44
N ASN A 131 -5.77 19.84 0.39
CA ASN A 131 -6.72 19.26 -0.60
C ASN A 131 -6.15 17.92 -1.07
N ASP A 132 -4.87 17.91 -1.44
CA ASP A 132 -4.21 16.70 -2.01
C ASP A 132 -4.21 15.58 -0.94
N VAL A 133 -3.86 15.90 0.28
CA VAL A 133 -3.72 14.83 1.33
C VAL A 133 -5.12 14.25 1.60
N ILE A 134 -6.14 15.12 1.68
CA ILE A 134 -7.52 14.67 1.93
C ILE A 134 -7.94 13.73 0.83
N ARG A 135 -7.70 14.08 -0.45
CA ARG A 135 -8.12 13.22 -1.55
C ARG A 135 -7.36 11.88 -1.48
N LEU A 136 -6.06 11.90 -1.22
CA LEU A 136 -5.25 10.63 -1.22
C LEU A 136 -5.69 9.74 -0.05
N ILE A 137 -5.94 10.30 1.14
CA ILE A 137 -6.42 9.48 2.27
C ILE A 137 -7.82 8.90 1.95
N LYS A 138 -8.68 9.66 1.34
CA LYS A 138 -10.02 9.17 0.97
C LYS A 138 -9.90 8.02 -0.02
N GLN A 139 -9.04 8.15 -1.02
CA GLN A 139 -8.83 7.05 -2.02
C GLN A 139 -8.27 5.79 -1.32
N ILE A 140 -7.31 5.93 -0.41
CA ILE A 140 -6.73 4.80 0.36
C ILE A 140 -7.83 4.12 1.15
N LEU A 141 -8.70 4.91 1.82
CA LEU A 141 -9.84 4.36 2.57
C LEU A 141 -10.80 3.62 1.63
N GLU A 142 -11.05 4.11 0.41
CA GLU A 142 -11.97 3.42 -0.52
C GLU A 142 -11.40 2.03 -0.84
N GLY A 143 -10.11 1.94 -1.10
CA GLY A 143 -9.45 0.66 -1.39
C GLY A 143 -9.48 -0.26 -0.18
N VAL A 144 -9.20 0.27 1.00
CA VAL A 144 -9.09 -0.58 2.20
C VAL A 144 -10.52 -1.03 2.58
N TYR A 145 -11.50 -0.16 2.40
CA TYR A 145 -12.91 -0.53 2.61
C TYR A 145 -13.26 -1.76 1.76
N TYR A 146 -12.99 -1.66 0.46
CA TYR A 146 -13.24 -2.73 -0.51
C TYR A 146 -12.58 -4.03 -0.02
N LEU A 147 -11.28 -3.99 0.33
CA LEU A 147 -10.58 -5.16 0.86
C LEU A 147 -11.25 -5.72 2.14
N HIS A 148 -11.58 -4.88 3.09
CA HIS A 148 -12.16 -5.34 4.37
C HIS A 148 -13.55 -5.93 4.13
N GLN A 149 -14.34 -5.39 3.21
CA GLN A 149 -15.68 -5.95 2.90
C GLN A 149 -15.52 -7.38 2.35
N ASN A 150 -14.36 -7.71 1.81
CA ASN A 150 -14.07 -9.00 1.16
C ASN A 150 -13.22 -9.85 2.08
N ASN A 151 -13.11 -9.46 3.36
CA ASN A 151 -12.42 -10.19 4.44
C ASN A 151 -10.93 -10.32 4.11
N ILE A 152 -10.33 -9.32 3.44
CA ILE A 152 -8.89 -9.29 3.17
C ILE A 152 -8.28 -8.20 4.03
N VAL A 153 -7.33 -8.56 4.85
CA VAL A 153 -6.47 -7.60 5.59
CA VAL A 153 -6.47 -7.59 5.59
C VAL A 153 -5.13 -7.53 4.88
N HIS A 154 -4.64 -6.31 4.58
CA HIS A 154 -3.43 -6.12 3.75
C HIS A 154 -2.18 -6.46 4.57
N LEU A 155 -2.10 -5.91 5.79
CA LEU A 155 -1.05 -6.16 6.82
C LEU A 155 0.34 -5.66 6.42
N ASP A 156 0.49 -4.89 5.33
CA ASP A 156 1.82 -4.29 5.02
C ASP A 156 1.60 -2.90 4.40
N LEU A 157 0.61 -2.15 4.92
CA LEU A 157 0.26 -0.83 4.37
C LEU A 157 1.23 0.24 4.88
N LYS A 158 2.50 0.06 4.64
CA LYS A 158 3.49 1.16 4.69
C LYS A 158 3.33 2.06 3.45
N PRO A 159 3.80 3.33 3.53
CA PRO A 159 3.71 4.24 2.39
C PRO A 159 4.48 3.82 1.11
N GLN A 160 5.46 2.92 1.26
CA GLN A 160 6.19 2.33 0.13
C GLN A 160 5.25 1.38 -0.65
N ASN A 161 4.07 1.00 -0.08
CA ASN A 161 3.14 0.01 -0.72
C ASN A 161 1.86 0.71 -1.17
N ILE A 162 1.87 2.03 -1.20
CA ILE A 162 0.82 2.79 -1.85
C ILE A 162 1.46 3.64 -2.95
N LEU A 163 1.04 3.41 -4.20
CA LEU A 163 1.61 4.09 -5.35
C LEU A 163 0.65 5.12 -5.89
N LEU A 164 1.14 5.88 -6.85
CA LEU A 164 0.37 6.94 -7.52
C LEU A 164 0.43 6.73 -9.03
N SER A 165 -0.66 6.99 -9.73
CA SER A 165 -0.78 6.89 -11.20
C SER A 165 0.04 7.99 -11.87
N SER A 166 0.33 9.07 -11.16
CA SER A 166 1.15 10.22 -11.66
C SER A 166 1.53 11.11 -10.51
N ILE A 167 2.62 11.89 -10.66
CA ILE A 167 3.01 12.94 -9.68
C ILE A 167 2.78 14.35 -10.28
N TYR A 168 3.00 14.55 -11.58
CA TYR A 168 2.81 15.86 -12.26
C TYR A 168 1.80 15.72 -13.38
N PRO A 169 0.50 15.97 -13.13
CA PRO A 169 0.00 16.36 -11.83
C PRO A 169 -0.26 15.13 -10.93
N LEU A 170 -0.71 15.36 -9.72
CA LEU A 170 -0.90 14.29 -8.73
C LEU A 170 -2.06 13.40 -9.15
N GLY A 171 -1.84 12.09 -9.21
CA GLY A 171 -2.81 11.17 -9.79
C GLY A 171 -3.59 10.46 -8.71
N ASP A 172 -3.88 9.19 -8.95
CA ASP A 172 -4.78 8.38 -8.10
C ASP A 172 -3.98 7.27 -7.42
N ILE A 173 -4.45 6.79 -6.28
CA ILE A 173 -3.64 5.82 -5.51
C ILE A 173 -3.87 4.40 -6.03
N LYS A 174 -2.86 3.58 -5.82
CA LYS A 174 -2.86 2.17 -6.21
C LYS A 174 -2.18 1.37 -5.11
N ILE A 175 -2.94 0.58 -4.40
CA ILE A 175 -2.40 -0.26 -3.31
C ILE A 175 -1.67 -1.44 -3.97
N VAL A 176 -0.47 -1.74 -3.50
CA VAL A 176 0.37 -2.85 -4.01
C VAL A 176 0.83 -3.77 -2.89
N ASP A 177 1.35 -4.93 -3.28
CA ASP A 177 2.12 -5.90 -2.46
C ASP A 177 1.22 -6.58 -1.43
N PHE A 178 0.51 -7.61 -1.88
CA PHE A 178 -0.38 -8.45 -1.08
C PHE A 178 0.38 -9.65 -0.50
N GLY A 179 1.70 -9.57 -0.41
CA GLY A 179 2.58 -10.63 0.09
C GLY A 179 2.28 -11.00 1.52
N MET A 180 1.78 -10.08 2.37
CA MET A 180 1.49 -10.37 3.82
CA MET A 180 1.52 -10.41 3.81
C MET A 180 0.00 -10.55 4.04
N SER A 181 -0.82 -10.44 3.00
CA SER A 181 -2.29 -10.29 3.18
C SER A 181 -2.89 -11.62 3.72
N ARG A 182 -3.88 -11.53 4.60
CA ARG A 182 -4.57 -12.71 5.23
C ARG A 182 -6.08 -12.46 5.29
N LYS A 183 -6.78 -13.41 5.90
CA LYS A 183 -8.17 -13.26 6.38
C LYS A 183 -8.12 -12.79 7.84
N ILE A 184 -9.14 -12.04 8.26
CA ILE A 184 -9.45 -11.74 9.68
C ILE A 184 -9.31 -13.05 10.49
N GLY A 185 -8.56 -13.01 11.62
CA GLY A 185 -8.53 -14.08 12.64
C GLY A 185 -7.43 -15.11 12.42
N HIS A 186 -6.68 -15.02 11.31
CA HIS A 186 -5.49 -15.86 11.03
C HIS A 186 -4.46 -15.57 12.14
N ALA A 187 -3.54 -16.50 12.41
CA ALA A 187 -2.55 -16.37 13.52
C ALA A 187 -1.55 -15.25 13.19
N CYS A 188 -1.06 -14.55 14.21
CA CYS A 188 0.09 -13.62 14.09
C CYS A 188 1.40 -14.38 14.36
N GLU A 189 2.06 -14.90 13.31
CA GLU A 189 3.29 -15.72 13.40
C GLU A 189 4.51 -14.90 12.92
N LEU A 190 5.59 -15.57 12.49
CA LEU A 190 6.89 -14.93 12.10
C LEU A 190 6.68 -13.96 10.92
N ARG A 191 5.96 -14.38 9.87
CA ARG A 191 5.73 -13.53 8.66
C ARG A 191 5.21 -12.17 9.13
N GLU A 192 4.19 -12.19 10.00
CA GLU A 192 3.52 -10.99 10.58
C GLU A 192 4.58 -10.07 11.19
N ILE A 193 5.37 -10.60 12.14
CA ILE A 193 6.22 -9.84 13.12
C ILE A 193 7.56 -9.46 12.48
N MET A 194 7.68 -9.57 11.14
CA MET A 194 8.90 -9.21 10.37
C MET A 194 8.60 -8.08 9.35
N GLY A 195 7.47 -7.38 9.46
CA GLY A 195 7.31 -6.08 8.76
C GLY A 195 8.51 -5.13 9.01
N THR A 196 8.49 -3.93 8.41
CA THR A 196 9.42 -2.84 8.80
C THR A 196 9.02 -2.42 10.21
N PRO A 197 9.93 -2.46 11.20
CA PRO A 197 9.53 -2.29 12.60
C PRO A 197 8.63 -1.05 12.91
N GLU A 198 8.97 0.09 12.35
CA GLU A 198 8.26 1.37 12.65
C GLU A 198 6.81 1.39 12.11
N TYR A 199 6.40 0.40 11.32
CA TYR A 199 5.05 0.30 10.73
C TYR A 199 4.19 -0.80 11.39
N LEU A 200 4.70 -1.54 12.35
CA LEU A 200 3.95 -2.64 12.98
C LEU A 200 2.95 -2.10 14.02
N ALA A 201 1.72 -2.58 13.97
CA ALA A 201 0.66 -2.26 14.93
C ALA A 201 0.97 -2.89 16.28
N PRO A 202 0.49 -2.29 17.40
CA PRO A 202 0.76 -2.82 18.73
C PRO A 202 0.28 -4.28 18.90
N GLU A 203 -0.82 -4.62 18.26
CA GLU A 203 -1.40 -5.99 18.40
C GLU A 203 -0.46 -7.01 17.78
N ILE A 204 0.29 -6.64 16.73
CA ILE A 204 1.30 -7.53 16.11
C ILE A 204 2.44 -7.75 17.10
N LEU A 205 2.89 -6.71 17.80
CA LEU A 205 3.94 -6.89 18.84
C LEU A 205 3.45 -7.83 19.96
N ASN A 206 2.15 -7.88 20.26
CA ASN A 206 1.53 -8.77 21.30
C ASN A 206 1.06 -10.11 20.73
N TYR A 207 1.21 -10.36 19.44
CA TYR A 207 0.85 -11.64 18.77
C TYR A 207 -0.69 -11.90 18.79
N ASP A 208 -1.55 -10.83 18.81
CA ASP A 208 -3.03 -10.99 18.82
C ASP A 208 -3.48 -11.44 17.44
N PRO A 209 -4.69 -12.03 17.31
CA PRO A 209 -5.08 -12.56 16.02
C PRO A 209 -5.25 -11.36 15.08
N ILE A 210 -5.15 -11.64 13.79
CA ILE A 210 -5.15 -10.57 12.76
C ILE A 210 -6.48 -9.81 12.89
N THR A 211 -6.48 -8.49 12.77
CA THR A 211 -7.72 -7.72 12.66
C THR A 211 -7.68 -6.70 11.48
N THR A 212 -8.83 -6.36 10.91
CA THR A 212 -8.97 -5.22 9.94
C THR A 212 -8.43 -3.95 10.61
N ALA A 213 -8.44 -3.90 11.94
CA ALA A 213 -8.03 -2.69 12.69
C ALA A 213 -6.53 -2.46 12.49
N THR A 214 -5.72 -3.49 12.17
CA THR A 214 -4.27 -3.31 11.89
C THR A 214 -4.05 -2.42 10.67
N ASP A 215 -4.83 -2.59 9.63
CA ASP A 215 -4.74 -1.73 8.42
C ASP A 215 -5.10 -0.30 8.80
N MET A 216 -6.07 -0.12 9.70
CA MET A 216 -6.53 1.23 10.08
C MET A 216 -5.41 1.96 10.84
N TRP A 217 -4.69 1.25 11.73
CA TRP A 217 -3.46 1.79 12.37
C TRP A 217 -2.53 2.31 11.29
N ASN A 218 -2.29 1.55 10.22
CA ASN A 218 -1.33 1.96 9.17
C ASN A 218 -1.85 3.19 8.42
N ILE A 219 -3.16 3.30 8.22
CA ILE A 219 -3.69 4.51 7.54
C ILE A 219 -3.41 5.75 8.43
N GLY A 220 -3.53 5.61 9.75
CA GLY A 220 -3.16 6.69 10.66
C GLY A 220 -1.73 7.12 10.44
N ILE A 221 -0.82 6.15 10.31
CA ILE A 221 0.62 6.46 10.09
C ILE A 221 0.79 7.21 8.77
N ILE A 222 0.10 6.78 7.73
CA ILE A 222 0.23 7.41 6.39
C ILE A 222 -0.19 8.89 6.45
N ALA A 223 -1.34 9.17 7.07
CA ALA A 223 -1.85 10.54 7.28
C ALA A 223 -0.82 11.35 8.06
N TYR A 224 -0.28 10.80 9.17
CA TYR A 224 0.72 11.47 10.00
C TYR A 224 1.93 11.83 9.13
N MET A 225 2.46 10.86 8.39
CA MET A 225 3.68 11.12 7.55
C MET A 225 3.41 12.12 6.41
N LEU A 226 2.26 12.06 5.74
CA LEU A 226 1.94 13.00 4.64
C LEU A 226 1.84 14.43 5.19
N LEU A 227 1.38 14.58 6.44
CA LEU A 227 1.04 15.93 6.98
C LEU A 227 2.24 16.53 7.72
N THR A 228 3.03 15.72 8.42
CA THR A 228 4.16 16.21 9.25
C THR A 228 5.52 15.99 8.58
N HIS A 229 5.61 15.12 7.58
CA HIS A 229 6.86 14.72 6.91
C HIS A 229 7.83 14.06 7.92
N THR A 230 7.30 13.40 8.94
CA THR A 230 8.09 12.72 9.97
C THR A 230 7.45 11.35 10.24
N SER A 231 8.25 10.42 10.72
CA SER A 231 7.80 9.07 11.13
C SER A 231 7.25 9.17 12.52
N PRO A 232 6.02 8.70 12.78
CA PRO A 232 5.50 8.81 14.13
C PRO A 232 6.19 7.92 15.17
N PHE A 233 6.72 6.75 14.81
CA PHE A 233 7.17 5.78 15.83
C PHE A 233 8.66 5.47 15.78
N VAL A 234 9.39 5.75 14.70
CA VAL A 234 10.79 5.31 14.58
C VAL A 234 11.65 5.95 15.70
N GLY A 235 12.52 5.13 16.34
CA GLY A 235 13.50 5.62 17.34
C GLY A 235 14.91 5.42 16.87
N GLU A 236 15.91 5.65 17.76
CA GLU A 236 17.36 5.51 17.42
C GLU A 236 17.68 4.06 17.10
N ASP A 237 16.94 3.13 17.69
CA ASP A 237 17.13 1.69 17.43
C ASP A 237 15.78 0.99 17.49
N ASN A 238 15.74 -0.28 17.11
CA ASN A 238 14.47 -1.05 17.11
C ASN A 238 13.87 -1.03 18.51
N GLN A 239 14.68 -1.25 19.56
CA GLN A 239 14.12 -1.26 20.94
C GLN A 239 13.30 0.02 21.11
N GLU A 240 13.85 1.16 20.73
CA GLU A 240 13.12 2.41 20.99
C GLU A 240 11.83 2.39 20.11
N THR A 241 11.95 1.98 18.86
CA THR A 241 10.76 1.91 17.95
C THR A 241 9.65 1.10 18.64
N TYR A 242 10.01 -0.06 19.21
CA TYR A 242 9.03 -1.02 19.78
C TYR A 242 8.42 -0.43 21.05
N LEU A 243 9.19 0.33 21.82
CA LEU A 243 8.66 1.02 23.01
C LEU A 243 7.68 2.12 22.56
N ASN A 244 8.02 2.87 21.51
CA ASN A 244 7.16 3.98 20.98
C ASN A 244 5.81 3.38 20.55
N ILE A 245 5.84 2.25 19.85
CA ILE A 245 4.60 1.62 19.35
C ILE A 245 3.81 1.11 20.53
N SER A 246 4.45 0.33 21.40
CA SER A 246 3.76 -0.38 22.50
C SER A 246 3.15 0.61 23.48
N GLN A 247 3.75 1.79 23.65
CA GLN A 247 3.24 2.86 24.57
C GLN A 247 2.40 3.86 23.79
N VAL A 248 2.37 3.75 22.45
CA VAL A 248 1.74 4.74 21.54
C VAL A 248 2.27 6.15 21.92
N ASN A 249 3.58 6.30 21.87
CA ASN A 249 4.26 7.56 22.21
C ASN A 249 4.43 8.33 20.92
N VAL A 250 3.50 9.25 20.61
CA VAL A 250 3.47 10.00 19.32
C VAL A 250 3.66 11.47 19.63
N ASP A 251 4.46 12.13 18.82
CA ASP A 251 4.71 13.58 18.87
C ASP A 251 3.50 14.28 18.23
N TYR A 252 2.71 14.93 19.06
CA TYR A 252 1.58 15.82 18.69
C TYR A 252 1.89 17.25 19.13
N SER A 253 3.17 17.57 19.28
CA SER A 253 3.63 18.91 19.74
C SER A 253 3.13 20.00 18.79
N GLU A 254 3.05 21.21 19.32
CA GLU A 254 2.65 22.44 18.61
C GLU A 254 3.62 22.68 17.43
N GLU A 255 4.90 22.35 17.56
CA GLU A 255 5.90 22.53 16.48
C GLU A 255 5.57 21.57 15.33
N THR A 256 5.40 20.30 15.62
CA THR A 256 5.15 19.27 14.60
C THR A 256 3.79 19.51 13.92
N PHE A 257 2.79 20.05 14.64
CA PHE A 257 1.39 20.19 14.14
C PHE A 257 0.98 21.66 13.89
N SER A 258 1.91 22.61 13.84
CA SER A 258 1.54 24.05 13.68
C SER A 258 0.83 24.29 12.33
N SER A 259 1.12 23.50 11.28
CA SER A 259 0.48 23.66 9.94
C SER A 259 -0.47 22.51 9.63
N VAL A 260 -0.90 21.77 10.63
CA VAL A 260 -1.81 20.63 10.46
C VAL A 260 -3.13 20.99 11.16
N SER A 261 -4.24 20.79 10.49
CA SER A 261 -5.59 21.16 10.97
C SER A 261 -5.97 20.29 12.15
N GLN A 262 -6.88 20.80 12.98
CA GLN A 262 -7.38 19.99 14.09
C GLN A 262 -8.10 18.76 13.55
N LEU A 263 -8.92 18.91 12.50
CA LEU A 263 -9.68 17.77 11.98
C LEU A 263 -8.74 16.64 11.48
N ALA A 264 -7.60 17.00 10.93
CA ALA A 264 -6.58 16.00 10.49
C ALA A 264 -5.98 15.35 11.72
N THR A 265 -5.73 16.14 12.75
CA THR A 265 -5.20 15.63 14.04
C THR A 265 -6.18 14.60 14.64
N ASP A 266 -7.46 14.96 14.66
CA ASP A 266 -8.56 14.10 15.15
C ASP A 266 -8.56 12.78 14.37
N PHE A 267 -8.45 12.84 13.07
CA PHE A 267 -8.47 11.65 12.23
C PHE A 267 -7.32 10.71 12.68
N ILE A 268 -6.13 11.25 12.73
CA ILE A 268 -4.91 10.48 13.14
C ILE A 268 -5.11 9.93 14.54
N GLN A 269 -5.54 10.75 15.49
CA GLN A 269 -5.61 10.36 16.92
C GLN A 269 -6.70 9.29 17.09
N SER A 270 -7.68 9.21 16.21
CA SER A 270 -8.73 8.15 16.24
CA SER A 270 -8.71 8.14 16.27
C SER A 270 -8.14 6.78 15.86
N LEU A 271 -7.14 6.76 14.97
CA LEU A 271 -6.51 5.54 14.43
C LEU A 271 -5.33 5.08 15.29
N LEU A 272 -4.49 5.99 15.76
CA LEU A 272 -3.26 5.60 16.49
C LEU A 272 -3.64 5.40 17.95
N VAL A 273 -4.40 4.32 18.23
CA VAL A 273 -4.79 3.97 19.61
C VAL A 273 -4.46 2.49 19.84
N LYS A 274 -4.00 2.18 21.03
CA LYS A 274 -3.39 0.90 21.37
C LYS A 274 -4.42 -0.21 21.13
N ASN A 275 -5.63 -0.02 21.60
CA ASN A 275 -6.68 -1.08 21.59
C ASN A 275 -7.32 -1.12 20.20
N PRO A 276 -7.06 -2.17 19.38
CA PRO A 276 -7.56 -2.19 17.99
C PRO A 276 -9.10 -2.05 17.94
N GLU A 277 -9.80 -2.51 18.97
CA GLU A 277 -11.28 -2.52 19.02
C GLU A 277 -11.80 -1.09 19.13
N LYS A 278 -10.99 -0.13 19.55
CA LYS A 278 -11.42 1.28 19.66
C LYS A 278 -11.16 2.05 18.36
N ARG A 279 -10.41 1.49 17.40
CA ARG A 279 -10.19 2.18 16.12
C ARG A 279 -11.44 2.15 15.27
N PRO A 280 -11.77 3.25 14.58
CA PRO A 280 -12.84 3.22 13.62
C PRO A 280 -12.57 2.27 12.45
N THR A 281 -13.62 1.76 11.85
CA THR A 281 -13.58 0.99 10.57
C THR A 281 -13.26 1.93 9.41
N ALA A 282 -12.90 1.37 8.27
CA ALA A 282 -12.71 2.13 7.05
C ALA A 282 -14.02 2.86 6.71
N GLU A 283 -15.16 2.18 6.86
CA GLU A 283 -16.47 2.77 6.51
C GLU A 283 -16.73 4.03 7.35
N ILE A 284 -16.48 3.98 8.66
CA ILE A 284 -16.63 5.12 9.61
C ILE A 284 -15.64 6.23 9.25
N CYS A 285 -14.38 5.88 8.91
CA CYS A 285 -13.37 6.86 8.49
C CYS A 285 -13.79 7.64 7.27
N LEU A 286 -14.47 6.99 6.33
CA LEU A 286 -14.93 7.67 5.07
C LEU A 286 -15.97 8.75 5.38
N SER A 287 -16.61 8.70 6.52
CA SER A 287 -17.59 9.74 6.91
CA SER A 287 -17.61 9.71 6.97
C SER A 287 -16.95 10.77 7.86
N HIS A 288 -15.66 10.63 8.18
CA HIS A 288 -14.96 11.61 9.04
C HIS A 288 -15.12 13.06 8.50
N SER A 289 -15.35 14.02 9.41
CA SER A 289 -15.52 15.45 9.06
C SER A 289 -14.30 15.98 8.29
N TRP A 290 -13.11 15.48 8.56
CA TRP A 290 -11.89 15.95 7.85
C TRP A 290 -12.06 15.76 6.34
N LEU A 291 -12.67 14.65 5.91
CA LEU A 291 -12.70 14.22 4.50
C LEU A 291 -13.95 14.77 3.81
N GLN A 292 -14.80 15.53 4.49
CA GLN A 292 -16.02 16.08 3.87
C GLN A 292 -15.64 17.41 3.18
N GLN A 293 -15.68 17.44 1.88
CA GLN A 293 -15.24 18.63 1.15
C GLN A 293 -16.10 18.78 -0.09
N TRP A 294 -16.51 19.98 -0.37
CA TRP A 294 -17.32 20.29 -1.56
C TRP A 294 -16.40 20.73 -2.70
N ASP A 295 -16.47 20.10 -3.87
CA ASP A 295 -15.75 20.61 -5.07
C ASP A 295 -16.35 21.96 -5.47
N PHE A 296 -15.58 23.07 -5.35
CA PHE A 296 -16.10 24.46 -5.49
C PHE A 296 -16.64 24.70 -6.91
N GLU A 297 -16.21 23.90 -7.89
CA GLU A 297 -16.68 24.07 -9.29
C GLU A 297 -18.09 23.48 -9.46
N ASN A 298 -18.63 22.75 -8.48
CA ASN A 298 -20.03 22.22 -8.50
C ASN A 298 -20.97 23.18 -7.78
N LEU A 299 -22.22 23.28 -8.27
CA LEU A 299 -23.27 24.10 -7.63
C LEU A 299 -23.85 23.31 -6.46
N PHE A 300 -23.70 23.84 -5.25
CA PHE A 300 -24.23 23.19 -4.03
C PHE A 300 -25.75 23.41 -4.00
N HIS A 301 -26.50 22.37 -3.66
CA HIS A 301 -27.97 22.45 -3.47
C HIS A 301 -28.27 22.42 -1.98
N PRO A 302 -28.56 23.59 -1.37
CA PRO A 302 -28.75 23.67 0.08
C PRO A 302 -30.11 23.16 0.54
N GLU A 303 -30.30 23.11 1.86
CA GLU A 303 -31.48 22.50 2.51
C GLU A 303 -32.68 23.41 2.27
N GLU A 304 -32.48 24.72 2.23
CA GLU A 304 -33.57 25.72 1.98
C GLU A 304 -33.77 25.87 0.47
N THR A 305 -34.81 25.22 -0.04
CA THR A 305 -35.08 25.10 -1.51
C THR A 305 -35.81 26.38 -1.93
N SER A 306 -35.79 26.72 -3.20
CA SER A 306 -36.41 27.98 -3.70
C SER A 306 -37.95 27.96 -3.51
N SER A 307 -38.61 26.79 -3.60
CA SER A 307 -40.10 26.65 -3.52
C SER A 307 -40.63 27.06 -2.12
N1 QM2 B . 3.75 -1.91 -9.25
C2 QM2 B . 4.89 -1.46 -8.73
C4 QM2 B . 4.86 0.38 -10.24
C5 QM2 B . 5.57 1.56 -10.54
C6 QM2 B . 6.66 1.82 -9.77
O1 QM2 B . 4.15 -5.41 -5.47
C QM2 B . 4.86 -4.50 -5.90
O QM2 B . 5.99 -4.12 -5.34
C1 QM2 B . 4.50 -3.68 -7.13
S QM2 B . 5.63 -2.29 -7.36
C16 QM2 B . 3.24 -1.20 -10.26
N QM2 B . 3.71 -0.07 -10.81
S1 QM2 B . 6.92 0.54 -8.62
C3 QM2 B . 5.51 -0.28 -9.20
C7 QM2 B . 7.54 2.99 -9.79
C15 QM2 B . 8.66 3.06 -8.98
C14 QM2 B . 9.53 4.13 -9.06
C10 QM2 B . 9.30 5.18 -9.95
C9 QM2 B . 8.17 5.12 -10.74
C8 QM2 B . 7.30 4.04 -10.67
C11 QM2 B . 10.30 6.32 -10.07
C13 QM2 B . 11.78 6.09 -9.93
C12 QM2 B . 11.06 6.84 -8.88
C1 EDO C . 1.22 -7.01 -6.48
O1 EDO C . 1.68 -5.76 -5.99
C2 EDO C . 1.77 -8.13 -5.71
O2 EDO C . 1.04 -8.38 -4.52
C1 EDO D . 0.31 -9.94 -24.28
C1 EDO D . 0.80 -7.82 -24.70
O1 EDO D . -0.57 -11.04 -24.30
O1 EDO D . 0.32 -6.63 -25.32
C2 EDO D . -0.40 -8.65 -24.37
C2 EDO D . -0.29 -8.63 -24.09
O2 EDO D . -1.41 -8.49 -23.37
O2 EDO D . -1.24 -7.83 -23.40
#